data_7MSX
#
_entry.id   7MSX
#
_cell.length_a   1.00
_cell.length_b   1.00
_cell.length_c   1.00
_cell.angle_alpha   90.00
_cell.angle_beta   90.00
_cell.angle_gamma   90.00
#
_symmetry.space_group_name_H-M   'P 1'
#
loop_
_entity.id
_entity.type
_entity.pdbx_description
1 polymer 'Non-structural protein 2'
2 non-polymer 'ZINC ION'
#
_entity_poly.entity_id   1
_entity_poly.type   'polypeptide(L)'
_entity_poly.pdbx_seq_one_letter_code
;AYTRYVDNNFCGPDGYPLECIKDLLARAGKASCTLSEQLDFIDTKRGVYCCREHEHEIAWYTERSEKSYELQTPFEIKLA
KKFDTFNGECPNFVFPLNSIIKTIQPRVEKKKLDGFMGRIRSVYPVASPNECNQMCLSTLMKCDHCGETSWQTGDFVKAT
CEFCGTENLTKEGATTCGYLPQNAVVKIYCPACHNSEVGPEHSLAEYHNESGLKTILRKGGRTIAFGGCVFSYVGCHNKC
AYWVPRASANIGCNHTGVVGEGSEGLNDNLLEILQKEKVNINIVGDFKLNEEIAIILASFSASTSAFVETVKGLDYKAFK
QIVESCGNFKVTKGKAKKGAWNIGEQKSILSPLYAFASEAARVVRSIFSRTLETAQNSVRVLQKAAITILDGISQYSLRL
IDAMMFTSDLATNNLVVMAYITGGVVQLTSQWLTNIFGTVYEKLKPVLDWLEEKFKEGVEFLRDGWEIVKFISTCACEIV
GGQIVTCAKEIKESVQTFFKLVNKFLALCADSIIIGGAKLKALNLGETFVTHSKGLYRKCVKSREETGLLMPLKAPKEII
FLEGETLPTEVLTEEVVLKTGDLQPLEQPTSEAVEAPLVGTPVCINGLMLLEIKDTEKYCALAPNMMVTNNTFTLKGG
;
_entity_poly.pdbx_strand_id   A
#
loop_
_chem_comp.id
_chem_comp.type
_chem_comp.name
_chem_comp.formula
ZN non-polymer 'ZINC ION' 'Zn 2'
#
# COMPACT_ATOMS: atom_id res chain seq x y z
N ARG A 4 -20.67 19.10 17.52
CA ARG A 4 -20.72 18.15 16.41
C ARG A 4 -20.46 18.87 15.10
N TYR A 5 -19.43 18.41 14.38
CA TYR A 5 -18.97 19.10 13.18
C TYR A 5 -19.68 18.58 11.95
N VAL A 6 -19.98 19.50 11.03
CA VAL A 6 -20.67 19.21 9.78
C VAL A 6 -19.90 19.89 8.65
N ASP A 7 -20.27 19.55 7.41
CA ASP A 7 -19.73 20.29 6.28
C ASP A 7 -20.62 21.50 6.00
N ASN A 8 -20.27 22.26 4.95
CA ASN A 8 -21.03 23.47 4.65
C ASN A 8 -22.42 23.17 4.11
N ASN A 9 -22.73 21.92 3.79
CA ASN A 9 -24.07 21.51 3.43
C ASN A 9 -24.82 20.88 4.59
N PHE A 10 -24.26 20.94 5.80
CA PHE A 10 -24.88 20.42 7.02
C PHE A 10 -25.08 18.91 6.97
N CYS A 11 -24.12 18.19 6.39
CA CYS A 11 -24.06 16.74 6.49
C CYS A 11 -22.93 16.33 7.42
N GLY A 12 -23.08 15.15 8.03
CA GLY A 12 -22.19 14.75 9.09
C GLY A 12 -20.82 14.32 8.58
N PRO A 13 -19.95 13.98 9.52
CA PRO A 13 -18.58 13.59 9.14
C PRO A 13 -18.51 12.36 8.28
N ASP A 14 -19.54 11.52 8.28
CA ASP A 14 -19.57 10.30 7.51
C ASP A 14 -20.22 10.47 6.14
N GLY A 15 -20.61 11.69 5.78
CA GLY A 15 -21.23 11.96 4.51
C GLY A 15 -22.74 11.91 4.48
N TYR A 16 -23.36 11.43 5.54
CA TYR A 16 -24.81 11.29 5.57
C TYR A 16 -25.44 12.46 6.30
N PRO A 17 -26.71 12.77 6.02
CA PRO A 17 -27.39 13.87 6.71
C PRO A 17 -27.60 13.58 8.19
N LEU A 18 -27.87 14.64 8.93
CA LEU A 18 -28.10 14.57 10.37
C LEU A 18 -29.60 14.46 10.64
N GLU A 19 -29.92 13.76 11.73
CA GLU A 19 -31.33 13.59 12.09
C GLU A 19 -31.96 14.89 12.54
N CYS A 20 -31.21 15.73 13.26
CA CYS A 20 -31.78 16.97 13.75
C CYS A 20 -32.05 17.96 12.62
N ILE A 21 -31.28 17.89 11.54
CA ILE A 21 -31.53 18.77 10.40
C ILE A 21 -32.73 18.28 9.59
N LYS A 22 -32.80 16.96 9.37
CA LYS A 22 -33.97 16.40 8.70
C LYS A 22 -35.26 16.75 9.44
N ASP A 23 -35.22 16.71 10.77
CA ASP A 23 -36.42 17.09 11.52
C ASP A 23 -36.74 18.57 11.35
N LEU A 24 -35.72 19.43 11.32
CA LEU A 24 -35.96 20.85 11.11
C LEU A 24 -36.60 21.10 9.76
N LEU A 25 -36.02 20.53 8.71
CA LEU A 25 -36.54 20.78 7.37
C LEU A 25 -37.93 20.18 7.20
N ALA A 26 -38.16 19.01 7.80
CA ALA A 26 -39.48 18.38 7.71
C ALA A 26 -40.55 19.24 8.38
N ARG A 27 -40.27 19.78 9.57
CA ARG A 27 -41.32 20.60 10.18
C ARG A 27 -41.64 21.79 9.29
N ALA A 28 -40.62 22.35 8.64
CA ALA A 28 -40.79 23.51 7.78
C ALA A 28 -41.45 23.17 6.45
N GLY A 29 -41.68 21.89 6.14
CA GLY A 29 -42.24 21.53 4.85
C GLY A 29 -41.28 21.67 3.70
N LYS A 30 -39.98 21.56 3.96
CA LYS A 30 -38.95 21.73 2.95
C LYS A 30 -38.30 20.40 2.56
N ALA A 31 -38.81 19.29 3.09
CA ALA A 31 -38.16 17.99 2.88
C ALA A 31 -38.06 17.64 1.41
N SER A 32 -39.06 18.00 0.61
CA SER A 32 -39.07 17.64 -0.79
C SER A 32 -38.34 18.64 -1.68
N CYS A 33 -37.85 19.75 -1.12
CA CYS A 33 -37.21 20.79 -1.92
C CYS A 33 -35.80 20.37 -2.34
N THR A 34 -35.28 21.09 -3.32
CA THR A 34 -33.91 20.90 -3.78
C THR A 34 -32.94 21.37 -2.70
N LEU A 35 -31.69 20.87 -2.78
CA LEU A 35 -30.69 21.15 -1.76
C LEU A 35 -30.47 22.65 -1.57
N SER A 36 -30.34 23.39 -2.66
CA SER A 36 -30.07 24.82 -2.55
C SER A 36 -31.18 25.55 -1.81
N GLU A 37 -32.45 25.24 -2.10
CA GLU A 37 -33.54 25.89 -1.39
C GLU A 37 -33.54 25.53 0.09
N GLN A 38 -33.22 24.28 0.42
CA GLN A 38 -33.16 23.86 1.81
C GLN A 38 -32.05 24.60 2.56
N LEU A 39 -30.89 24.78 1.93
CA LEU A 39 -29.80 25.48 2.60
C LEU A 39 -30.15 26.95 2.81
N ASP A 40 -30.81 27.58 1.84
CA ASP A 40 -31.24 28.96 2.02
C ASP A 40 -32.17 29.08 3.21
N PHE A 41 -33.10 28.14 3.37
CA PHE A 41 -33.95 28.14 4.56
C PHE A 41 -33.11 28.02 5.83
N ILE A 42 -32.19 27.06 5.86
CA ILE A 42 -31.39 26.83 7.06
C ILE A 42 -30.62 28.10 7.42
N ASP A 43 -30.07 28.80 6.42
CA ASP A 43 -29.40 30.05 6.68
C ASP A 43 -30.33 31.07 7.32
N THR A 44 -31.61 31.07 6.92
CA THR A 44 -32.57 31.97 7.55
C THR A 44 -32.70 31.67 9.04
N LYS A 45 -32.52 30.41 9.43
CA LYS A 45 -32.57 30.00 10.82
C LYS A 45 -31.22 30.14 11.53
N ARG A 46 -30.26 30.82 10.91
CA ARG A 46 -28.92 31.13 11.43
C ARG A 46 -27.95 29.96 11.33
N GLY A 47 -28.22 28.98 10.47
CA GLY A 47 -27.21 27.97 10.15
C GLY A 47 -26.70 27.19 11.33
N VAL A 48 -25.45 27.45 11.72
CA VAL A 48 -24.81 26.72 12.82
C VAL A 48 -25.70 26.72 14.06
N TYR A 49 -26.42 27.81 14.29
CA TYR A 49 -27.24 27.97 15.48
C TYR A 49 -28.72 27.75 15.21
N CYS A 50 -29.07 27.07 14.10
CA CYS A 50 -30.47 26.76 13.83
C CYS A 50 -31.04 25.80 14.86
N CYS A 51 -30.20 24.98 15.48
CA CYS A 51 -30.65 24.13 16.56
C CYS A 51 -30.51 24.83 17.90
N ARG A 52 -31.46 24.58 18.79
CA ARG A 52 -31.47 25.19 20.12
C ARG A 52 -30.68 24.37 21.13
N GLU A 53 -30.17 23.21 20.74
CA GLU A 53 -29.42 22.34 21.62
C GLU A 53 -28.04 21.97 21.07
N HIS A 54 -27.62 22.58 19.96
CA HIS A 54 -26.39 22.18 19.30
C HIS A 54 -25.68 23.42 18.78
N GLU A 55 -24.40 23.25 18.46
CA GLU A 55 -23.59 24.26 17.79
C GLU A 55 -22.83 23.55 16.67
N HIS A 56 -23.48 23.43 15.52
CA HIS A 56 -22.99 22.55 14.45
C HIS A 56 -21.93 23.31 13.66
N GLU A 57 -20.75 23.44 14.29
CA GLU A 57 -19.64 24.12 13.64
C GLU A 57 -19.33 23.48 12.29
N ILE A 58 -19.11 24.33 11.29
CA ILE A 58 -18.84 23.88 9.93
C ILE A 58 -17.34 23.70 9.76
N ALA A 59 -16.92 22.46 9.49
CA ALA A 59 -15.51 22.14 9.35
C ALA A 59 -15.07 21.89 7.92
N TRP A 60 -15.96 21.37 7.08
CA TRP A 60 -15.62 20.96 5.73
C TRP A 60 -16.41 21.74 4.70
N TYR A 61 -15.79 21.98 3.55
CA TYR A 61 -16.47 22.52 2.38
C TYR A 61 -16.69 21.38 1.40
N THR A 62 -17.94 21.19 0.97
CA THR A 62 -18.26 20.14 0.01
C THR A 62 -19.17 20.68 -1.06
N GLU A 63 -19.04 20.08 -2.23
CA GLU A 63 -19.93 20.31 -3.37
C GLU A 63 -20.68 19.02 -3.62
N ARG A 64 -22.01 19.10 -3.54
CA ARG A 64 -22.93 17.98 -3.63
C ARG A 64 -23.95 18.23 -4.72
N SER A 65 -24.56 17.15 -5.20
CA SER A 65 -25.64 17.27 -6.17
C SER A 65 -26.84 17.94 -5.53
N GLU A 66 -27.73 18.46 -6.39
CA GLU A 66 -28.92 19.18 -5.94
C GLU A 66 -29.94 18.28 -5.27
N LYS A 67 -29.73 16.97 -5.26
CA LYS A 67 -30.67 16.02 -4.68
C LYS A 67 -31.08 16.43 -3.27
N SER A 68 -32.37 16.33 -2.98
CA SER A 68 -32.93 16.74 -1.70
C SER A 68 -32.10 16.24 -0.53
N TYR A 69 -31.99 17.08 0.50
CA TYR A 69 -31.15 16.82 1.67
C TYR A 69 -31.33 15.41 2.21
N GLU A 70 -32.57 14.96 2.37
CA GLU A 70 -32.81 13.65 2.96
C GLU A 70 -32.19 12.53 2.16
N LEU A 71 -31.94 12.74 0.87
CA LEU A 71 -31.40 11.71 -0.01
C LEU A 71 -29.91 11.87 -0.23
N GLN A 72 -29.26 12.78 0.49
CA GLN A 72 -27.83 12.96 0.34
C GLN A 72 -27.08 11.79 0.97
N THR A 73 -26.08 11.30 0.27
CA THR A 73 -25.25 10.18 0.72
C THR A 73 -23.80 10.49 0.36
N PRO A 74 -22.83 9.70 0.84
CA PRO A 74 -21.44 9.90 0.38
C PRO A 74 -21.27 9.74 -1.11
N PHE A 75 -22.27 9.21 -1.81
CA PHE A 75 -22.20 9.01 -3.24
C PHE A 75 -22.63 10.23 -4.03
N GLU A 76 -23.11 11.27 -3.35
CA GLU A 76 -23.51 12.52 -3.98
C GLU A 76 -22.47 13.61 -3.90
N ILE A 77 -21.32 13.34 -3.29
CA ILE A 77 -20.29 14.35 -3.11
C ILE A 77 -19.40 14.37 -4.34
N LYS A 78 -19.04 15.56 -4.80
CA LYS A 78 -18.08 15.72 -5.87
C LYS A 78 -16.75 16.29 -5.42
N LEU A 79 -16.75 17.17 -4.43
CA LEU A 79 -15.50 17.77 -3.96
C LEU A 79 -15.54 17.95 -2.45
N ALA A 80 -14.42 17.67 -1.79
CA ALA A 80 -14.27 17.88 -0.35
C ALA A 80 -12.93 18.55 -0.07
N LYS A 81 -12.96 19.56 0.80
CA LYS A 81 -11.77 20.23 1.30
C LYS A 81 -12.10 20.93 2.61
N LYS A 82 -11.07 21.45 3.27
CA LYS A 82 -11.29 22.15 4.53
C LYS A 82 -12.11 23.41 4.30
N PHE A 83 -13.01 23.70 5.23
CA PHE A 83 -13.79 24.93 5.14
C PHE A 83 -12.89 26.14 5.33
N ASP A 84 -13.06 27.14 4.45
CA ASP A 84 -12.09 28.23 4.34
C ASP A 84 -11.92 29.01 5.63
N THR A 85 -12.99 29.16 6.42
CA THR A 85 -12.95 29.98 7.62
C THR A 85 -12.81 29.15 8.89
N PHE A 86 -12.54 27.85 8.78
CA PHE A 86 -12.43 26.98 9.94
C PHE A 86 -10.98 26.99 10.41
N ASN A 87 -10.76 27.51 11.61
CA ASN A 87 -9.42 27.62 12.19
C ASN A 87 -9.25 26.50 13.21
N GLY A 88 -8.45 25.51 12.84
CA GLY A 88 -8.25 24.35 13.69
C GLY A 88 -8.02 23.12 12.83
N GLU A 89 -7.88 21.99 13.51
CA GLU A 89 -7.70 20.72 12.84
C GLU A 89 -9.05 20.10 12.51
N CYS A 90 -9.07 19.31 11.46
CA CYS A 90 -10.38 18.75 11.15
C CYS A 90 -10.59 17.43 11.87
N PRO A 91 -11.83 17.14 12.26
CA PRO A 91 -12.17 15.77 12.68
C PRO A 91 -12.09 14.80 11.51
N ASN A 92 -12.17 13.51 11.85
CA ASN A 92 -12.17 12.47 10.83
C ASN A 92 -13.33 12.66 9.88
N PHE A 93 -13.05 12.54 8.58
CA PHE A 93 -14.05 12.69 7.54
C PHE A 93 -13.98 11.50 6.59
N VAL A 94 -15.13 11.08 6.08
CA VAL A 94 -15.20 9.89 5.23
C VAL A 94 -14.23 9.99 4.06
N PHE A 95 -14.01 11.20 3.54
CA PHE A 95 -13.12 11.38 2.41
C PHE A 95 -11.91 12.23 2.81
N PRO A 96 -10.81 12.12 2.08
CA PRO A 96 -9.70 13.05 2.30
C PRO A 96 -10.06 14.44 1.80
N LEU A 97 -9.31 15.42 2.28
CA LEU A 97 -9.51 16.81 1.89
C LEU A 97 -8.78 17.10 0.58
N ASN A 98 -9.30 18.09 -0.15
CA ASN A 98 -8.75 18.47 -1.45
C ASN A 98 -8.78 17.32 -2.45
N SER A 99 -9.90 16.59 -2.46
CA SER A 99 -10.04 15.40 -3.28
C SER A 99 -11.26 15.51 -4.19
N ILE A 100 -11.16 14.91 -5.37
CA ILE A 100 -12.27 14.78 -6.30
C ILE A 100 -12.91 13.41 -6.08
N ILE A 101 -14.23 13.37 -5.96
CA ILE A 101 -14.95 12.15 -5.65
C ILE A 101 -15.59 11.63 -6.92
N LYS A 102 -15.32 10.36 -7.24
CA LYS A 102 -15.94 9.70 -8.39
C LYS A 102 -16.79 8.52 -7.92
N THR A 103 -17.86 8.26 -8.67
CA THR A 103 -18.74 7.12 -8.40
C THR A 103 -18.88 6.29 -9.66
N ILE A 104 -19.27 5.03 -9.47
CA ILE A 104 -19.50 4.12 -10.58
C ILE A 104 -20.99 4.06 -10.91
N ARG A 119 -23.53 -10.07 -12.35
CA ARG A 119 -23.43 -9.13 -11.23
C ARG A 119 -22.29 -8.14 -11.46
N ILE A 120 -21.07 -8.65 -11.62
CA ILE A 120 -19.93 -7.77 -11.84
C ILE A 120 -20.06 -7.04 -13.17
N ARG A 121 -20.81 -7.61 -14.12
CA ARG A 121 -20.99 -6.97 -15.41
C ARG A 121 -21.74 -5.65 -15.30
N SER A 122 -22.50 -5.44 -14.23
CA SER A 122 -23.18 -4.17 -14.02
C SER A 122 -22.27 -3.10 -13.46
N VAL A 123 -21.06 -3.45 -13.06
CA VAL A 123 -20.12 -2.51 -12.45
C VAL A 123 -18.93 -2.25 -13.36
N TYR A 124 -18.31 -3.31 -13.90
CA TYR A 124 -17.13 -3.16 -14.74
C TYR A 124 -17.33 -3.94 -16.03
N PRO A 125 -16.66 -3.51 -17.11
CA PRO A 125 -16.67 -4.31 -18.35
C PRO A 125 -15.74 -5.51 -18.27
N VAL A 126 -16.04 -6.43 -17.36
CA VAL A 126 -15.19 -7.57 -17.04
C VAL A 126 -15.71 -8.80 -17.76
N ALA A 127 -14.82 -9.51 -18.45
CA ALA A 127 -15.22 -10.74 -19.12
C ALA A 127 -15.32 -11.90 -18.13
N SER A 128 -14.46 -11.92 -17.13
CA SER A 128 -14.47 -12.97 -16.12
C SER A 128 -13.80 -12.43 -14.86
N PRO A 129 -14.12 -12.98 -13.69
CA PRO A 129 -13.53 -12.46 -12.44
C PRO A 129 -12.01 -12.40 -12.43
N ASN A 130 -11.32 -13.16 -13.28
CA ASN A 130 -9.86 -13.13 -13.29
C ASN A 130 -9.30 -11.82 -13.83
N GLU A 131 -10.14 -10.96 -14.38
CA GLU A 131 -9.70 -9.66 -14.87
C GLU A 131 -9.86 -8.55 -13.84
N CYS A 132 -10.31 -8.87 -12.64
CA CYS A 132 -10.47 -7.88 -11.58
C CYS A 132 -9.19 -7.77 -10.78
N ASN A 133 -8.87 -6.56 -10.33
CA ASN A 133 -7.66 -6.30 -9.57
C ASN A 133 -8.00 -6.09 -8.10
N GLN A 134 -7.16 -6.64 -7.23
CA GLN A 134 -7.38 -6.55 -5.78
C GLN A 134 -6.74 -5.29 -5.23
N MET A 135 -7.53 -4.47 -4.55
CA MET A 135 -7.03 -3.22 -4.01
C MET A 135 -6.08 -3.45 -2.84
N CYS A 136 -5.14 -2.52 -2.68
CA CYS A 136 -4.24 -2.51 -1.53
C CYS A 136 -4.84 -1.63 -0.45
N LEU A 137 -5.27 -2.24 0.64
CA LEU A 137 -5.86 -1.52 1.77
C LEU A 137 -4.88 -1.59 2.93
N SER A 138 -4.56 -0.44 3.52
CA SER A 138 -3.55 -0.39 4.56
C SER A 138 -4.13 0.27 5.81
N THR A 139 -3.69 -0.21 6.97
CA THR A 139 -4.09 0.38 8.24
C THR A 139 -2.84 0.62 9.09
N LEU A 140 -2.78 1.79 9.74
CA LEU A 140 -1.66 2.12 10.62
C LEU A 140 -2.03 1.70 12.04
N MET A 141 -1.34 0.69 12.56
CA MET A 141 -1.70 0.16 13.88
C MET A 141 -0.56 -0.66 14.45
N LYS A 142 -0.69 -0.95 15.74
CA LYS A 142 0.29 -1.75 16.46
C LYS A 142 0.15 -3.23 16.13
N CYS A 143 1.29 -3.90 15.96
CA CYS A 143 1.31 -5.35 15.75
C CYS A 143 1.56 -6.05 17.08
N ASP A 144 0.58 -6.85 17.52
CA ASP A 144 0.67 -7.48 18.83
C ASP A 144 1.88 -8.39 18.95
N HIS A 145 2.28 -9.03 17.84
CA HIS A 145 3.38 -10.00 17.89
C HIS A 145 4.73 -9.35 18.15
N CYS A 146 4.89 -8.07 17.85
CA CYS A 146 6.18 -7.40 17.90
C CYS A 146 6.20 -6.20 18.82
N GLY A 147 5.13 -5.41 18.82
CA GLY A 147 5.11 -4.14 19.50
C GLY A 147 5.34 -2.96 18.59
N GLU A 148 5.72 -3.21 17.33
CA GLU A 148 5.93 -2.15 16.37
C GLU A 148 4.61 -1.60 15.86
N THR A 149 4.62 -0.32 15.48
CA THR A 149 3.48 0.34 14.87
C THR A 149 3.86 0.68 13.44
N SER A 150 3.09 0.18 12.48
CA SER A 150 3.42 0.41 11.08
C SER A 150 2.17 0.18 10.23
N TRP A 151 2.32 0.43 8.93
CA TRP A 151 1.22 0.28 7.98
C TRP A 151 1.12 -1.18 7.57
N GLN A 152 0.02 -1.82 7.96
CA GLN A 152 -0.21 -3.23 7.68
C GLN A 152 -1.16 -3.37 6.50
N THR A 153 -0.87 -4.35 5.64
CA THR A 153 -1.52 -4.50 4.36
C THR A 153 -2.51 -5.65 4.42
N GLY A 154 -3.73 -5.40 3.95
CA GLY A 154 -4.75 -6.43 3.90
C GLY A 154 -6.07 -5.90 3.38
N ASP A 155 -7.10 -5.98 4.20
CA ASP A 155 -8.44 -5.52 3.84
C ASP A 155 -9.00 -4.80 5.06
N PHE A 156 -10.32 -4.64 5.10
CA PHE A 156 -10.95 -3.89 6.19
C PHE A 156 -11.34 -4.78 7.36
N VAL A 157 -10.94 -6.05 7.35
CA VAL A 157 -11.18 -6.96 8.46
C VAL A 157 -9.88 -7.31 9.19
N LYS A 158 -8.86 -7.73 8.44
CA LYS A 158 -7.57 -8.06 9.02
C LYS A 158 -6.46 -7.60 8.09
N ALA A 159 -5.25 -7.46 8.64
CA ALA A 159 -4.11 -7.04 7.85
C ALA A 159 -2.87 -7.78 8.32
N THR A 160 -1.90 -7.91 7.41
CA THR A 160 -0.66 -8.61 7.70
C THR A 160 0.44 -7.62 8.08
N CYS A 161 1.12 -7.89 9.20
CA CYS A 161 2.26 -7.08 9.60
C CYS A 161 3.47 -7.49 8.78
N GLU A 162 4.04 -6.53 8.04
CA GLU A 162 5.09 -6.88 7.09
C GLU A 162 6.38 -7.28 7.77
N PHE A 163 6.62 -6.82 9.01
CA PHE A 163 7.85 -7.16 9.69
C PHE A 163 7.93 -8.65 10.01
N CYS A 164 6.84 -9.25 10.48
CA CYS A 164 6.87 -10.63 10.93
C CYS A 164 5.96 -11.56 10.14
N GLY A 165 5.07 -11.03 9.31
CA GLY A 165 4.20 -11.87 8.51
C GLY A 165 2.95 -12.37 9.20
N THR A 166 2.67 -11.91 10.42
CA THR A 166 1.49 -12.36 11.15
C THR A 166 0.29 -11.51 10.76
N GLU A 167 -0.90 -12.05 11.02
CA GLU A 167 -2.15 -11.36 10.75
C GLU A 167 -2.71 -10.78 12.03
N ASN A 168 -3.21 -9.55 11.94
CA ASN A 168 -3.83 -8.85 13.06
C ASN A 168 -5.18 -8.29 12.63
N LEU A 169 -6.13 -8.29 13.54
CA LEU A 169 -7.42 -7.68 13.27
C LEU A 169 -7.27 -6.16 13.18
N THR A 170 -8.02 -5.56 12.27
CA THR A 170 -7.93 -4.13 12.06
C THR A 170 -8.42 -3.37 13.28
N LYS A 171 -7.75 -2.24 13.56
CA LYS A 171 -8.10 -1.39 14.69
C LYS A 171 -8.22 0.04 14.20
N GLU A 172 -8.85 0.88 15.04
CA GLU A 172 -8.97 2.29 14.71
C GLU A 172 -7.61 2.93 14.49
N GLY A 173 -7.52 3.75 13.45
CA GLY A 173 -6.28 4.40 13.10
C GLY A 173 -6.36 4.94 11.69
N ALA A 174 -5.24 5.52 11.26
CA ALA A 174 -5.18 6.03 9.90
C ALA A 174 -5.33 4.88 8.92
N THR A 175 -6.18 5.08 7.91
CA THR A 175 -6.42 4.07 6.89
C THR A 175 -6.26 4.70 5.51
N THR A 176 -5.90 3.86 4.54
CA THR A 176 -5.78 4.34 3.18
C THR A 176 -5.99 3.17 2.21
N CYS A 177 -6.55 3.50 1.06
CA CYS A 177 -6.56 2.62 -0.10
C CYS A 177 -5.47 3.07 -1.05
N GLY A 178 -4.85 2.12 -1.73
CA GLY A 178 -3.76 2.44 -2.63
C GLY A 178 -4.26 2.99 -3.95
N TYR A 179 -3.33 3.13 -4.88
CA TYR A 179 -3.67 3.63 -6.20
C TYR A 179 -4.74 2.74 -6.83
N LEU A 180 -5.82 3.36 -7.31
CA LEU A 180 -6.91 2.58 -7.84
C LEU A 180 -6.50 1.87 -9.12
N PRO A 181 -6.63 0.54 -9.17
CA PRO A 181 -6.50 -0.16 -10.45
C PRO A 181 -7.81 -0.13 -11.20
N GLN A 182 -7.72 -0.41 -12.49
CA GLN A 182 -8.94 -0.61 -13.24
C GLN A 182 -9.65 -1.88 -12.76
N ASN A 183 -10.98 -1.83 -12.76
CA ASN A 183 -11.80 -2.95 -12.30
C ASN A 183 -11.44 -3.33 -10.86
N ALA A 184 -11.36 -2.34 -9.99
CA ALA A 184 -10.93 -2.58 -8.62
C ALA A 184 -12.00 -3.34 -7.84
N VAL A 185 -11.57 -4.40 -7.15
CA VAL A 185 -12.43 -5.16 -6.25
C VAL A 185 -11.67 -5.42 -4.96
N VAL A 186 -12.41 -5.84 -3.94
CA VAL A 186 -11.85 -6.33 -2.68
C VAL A 186 -12.39 -7.73 -2.45
N LYS A 187 -11.51 -8.71 -2.32
CA LYS A 187 -11.88 -10.09 -2.12
C LYS A 187 -11.81 -10.43 -0.64
N ILE A 188 -12.93 -10.84 -0.07
CA ILE A 188 -13.03 -11.15 1.35
C ILE A 188 -13.42 -12.62 1.49
N TYR A 189 -12.79 -13.31 2.44
CA TYR A 189 -13.18 -14.67 2.77
C TYR A 189 -14.66 -14.69 3.12
N CYS A 190 -15.42 -15.53 2.43
CA CYS A 190 -16.86 -15.55 2.60
C CYS A 190 -17.30 -16.76 3.41
N PRO A 191 -17.48 -16.61 4.73
CA PRO A 191 -17.87 -17.76 5.55
C PRO A 191 -19.21 -18.36 5.17
N ALA A 192 -20.11 -17.59 4.56
CA ALA A 192 -21.39 -18.14 4.12
C ALA A 192 -21.21 -19.25 3.11
N CYS A 193 -20.18 -19.17 2.27
CA CYS A 193 -19.94 -20.19 1.25
C CYS A 193 -19.13 -21.36 1.76
N HIS A 194 -18.23 -21.12 2.71
CA HIS A 194 -17.44 -22.21 3.28
C HIS A 194 -18.24 -22.99 4.32
N ASN A 195 -19.25 -22.36 4.91
CA ASN A 195 -20.17 -23.05 5.81
C ASN A 195 -21.09 -23.89 4.95
N SER A 196 -20.87 -25.21 4.96
CA SER A 196 -21.58 -26.11 4.05
C SER A 196 -23.09 -26.13 4.26
N GLU A 197 -23.58 -25.71 5.43
CA GLU A 197 -25.01 -25.66 5.64
C GLU A 197 -25.67 -24.62 4.74
N VAL A 198 -24.96 -23.54 4.45
CA VAL A 198 -25.48 -22.47 3.60
C VAL A 198 -24.90 -22.57 2.19
N GLY A 199 -23.58 -22.68 2.08
CA GLY A 199 -22.94 -22.88 0.80
C GLY A 199 -23.10 -21.70 -0.13
N PRO A 200 -22.57 -21.84 -1.35
CA PRO A 200 -22.84 -20.85 -2.39
C PRO A 200 -24.32 -20.81 -2.76
N GLU A 201 -24.69 -19.79 -3.54
CA GLU A 201 -26.07 -19.54 -3.92
C GLU A 201 -26.92 -19.08 -2.73
N HIS A 202 -26.29 -18.44 -1.76
CA HIS A 202 -27.02 -17.89 -0.63
C HIS A 202 -27.67 -16.57 -1.01
N SER A 203 -28.62 -16.14 -0.19
CA SER A 203 -29.27 -14.86 -0.41
C SER A 203 -28.37 -13.72 0.10
N LEU A 204 -28.76 -12.49 -0.25
CA LEU A 204 -28.00 -11.32 0.19
C LEU A 204 -28.07 -11.18 1.71
N ALA A 205 -29.25 -11.37 2.29
CA ALA A 205 -29.40 -11.27 3.73
C ALA A 205 -28.52 -12.30 4.44
N GLU A 206 -28.41 -13.50 3.86
CA GLU A 206 -27.56 -14.53 4.47
C GLU A 206 -26.10 -14.11 4.46
N TYR A 207 -25.63 -13.49 3.37
CA TYR A 207 -24.24 -13.05 3.33
C TYR A 207 -23.94 -12.05 4.43
N HIS A 208 -24.76 -11.01 4.56
CA HIS A 208 -24.43 -9.98 5.53
C HIS A 208 -24.62 -10.47 6.96
N ASN A 209 -25.51 -11.44 7.20
CA ASN A 209 -25.66 -11.97 8.55
C ASN A 209 -24.49 -12.88 8.93
N GLU A 210 -23.93 -13.60 7.95
CA GLU A 210 -22.85 -14.54 8.25
C GLU A 210 -21.47 -13.88 8.23
N SER A 211 -21.28 -12.83 7.43
CA SER A 211 -19.96 -12.24 7.28
C SER A 211 -19.40 -11.78 8.63
N GLY A 212 -20.26 -11.26 9.51
CA GLY A 212 -19.86 -10.94 10.87
C GLY A 212 -19.10 -9.65 11.03
N LEU A 213 -18.82 -8.93 9.95
CA LEU A 213 -18.06 -7.69 10.03
C LEU A 213 -19.01 -6.52 10.17
N LYS A 214 -18.49 -5.42 10.72
CA LYS A 214 -19.31 -4.28 11.11
C LYS A 214 -19.51 -3.35 9.91
N THR A 215 -20.59 -3.59 9.17
CA THR A 215 -20.97 -2.71 8.08
C THR A 215 -21.76 -1.51 8.62
N ILE A 216 -21.91 -0.51 7.76
CA ILE A 216 -22.73 0.65 8.05
C ILE A 216 -24.10 0.43 7.40
N LEU A 217 -25.13 0.35 8.23
CA LEU A 217 -26.48 0.03 7.78
C LEU A 217 -27.27 1.30 7.53
N ARG A 218 -27.78 1.45 6.30
CA ARG A 218 -28.60 2.57 5.89
C ARG A 218 -29.78 2.03 5.11
N LYS A 219 -30.80 2.86 4.93
CA LYS A 219 -31.98 2.44 4.17
C LYS A 219 -31.63 2.08 2.74
N GLY A 220 -30.49 2.55 2.23
CA GLY A 220 -30.05 2.25 0.89
C GLY A 220 -29.15 1.04 0.75
N GLY A 221 -28.90 0.31 1.83
CA GLY A 221 -28.03 -0.86 1.79
C GLY A 221 -26.98 -0.81 2.86
N ARG A 222 -25.99 -1.67 2.73
CA ARG A 222 -24.88 -1.76 3.69
C ARG A 222 -23.59 -1.42 2.97
N THR A 223 -22.83 -0.49 3.54
CA THR A 223 -21.58 -0.06 2.93
C THR A 223 -20.48 -0.04 3.98
N ILE A 224 -19.24 0.05 3.51
CA ILE A 224 -18.08 0.16 4.39
C ILE A 224 -17.25 1.37 3.98
N ALA A 225 -16.90 2.21 4.94
CA ALA A 225 -16.03 3.36 4.69
C ALA A 225 -14.62 3.02 5.15
N PHE A 226 -13.67 3.04 4.21
CA PHE A 226 -12.30 2.67 4.56
C PHE A 226 -11.35 3.34 3.58
N GLY A 227 -10.39 4.09 4.11
CA GLY A 227 -9.27 4.56 3.32
C GLY A 227 -9.63 5.52 2.20
N GLY A 228 -10.68 6.30 2.36
CA GLY A 228 -11.07 7.23 1.33
C GLY A 228 -12.01 6.67 0.30
N CYS A 229 -12.52 5.46 0.49
CA CYS A 229 -13.48 4.86 -0.42
C CYS A 229 -14.69 4.38 0.38
N VAL A 230 -15.82 4.25 -0.32
CA VAL A 230 -17.02 3.65 0.22
C VAL A 230 -17.34 2.42 -0.61
N PHE A 231 -17.30 1.25 0.02
CA PHE A 231 -17.42 -0.03 -0.64
C PHE A 231 -18.83 -0.57 -0.49
N SER A 232 -19.26 -1.34 -1.49
CA SER A 232 -20.53 -2.06 -1.44
C SER A 232 -20.32 -3.48 -1.95
N TYR A 233 -21.24 -4.36 -1.57
CA TYR A 233 -21.14 -5.77 -1.93
C TYR A 233 -21.80 -6.06 -3.28
N VAL A 234 -21.09 -6.77 -4.14
CA VAL A 234 -21.57 -7.12 -5.47
C VAL A 234 -21.99 -8.58 -5.57
N GLY A 235 -21.12 -9.50 -5.15
CA GLY A 235 -21.39 -10.91 -5.33
C GLY A 235 -20.23 -11.75 -4.85
N CYS A 236 -20.36 -13.05 -5.05
CA CYS A 236 -19.38 -14.02 -4.61
C CYS A 236 -18.94 -14.90 -5.77
N HIS A 237 -17.71 -15.38 -5.70
CA HIS A 237 -17.14 -16.26 -6.70
C HIS A 237 -16.01 -17.04 -6.05
N ASN A 238 -16.01 -18.36 -6.24
CA ASN A 238 -15.03 -19.26 -5.60
C ASN A 238 -15.01 -19.06 -4.10
N LYS A 239 -16.21 -18.90 -3.51
CA LYS A 239 -16.38 -18.80 -2.07
C LYS A 239 -15.70 -17.56 -1.48
N CYS A 240 -15.47 -16.54 -2.32
CA CYS A 240 -14.98 -15.26 -1.87
C CYS A 240 -16.02 -14.19 -2.16
N ALA A 241 -16.15 -13.21 -1.27
CA ALA A 241 -17.06 -12.10 -1.47
C ALA A 241 -16.32 -10.95 -2.15
N TYR A 242 -16.99 -10.29 -3.10
CA TYR A 242 -16.41 -9.19 -3.86
C TYR A 242 -17.10 -7.89 -3.47
N TRP A 243 -16.32 -6.94 -2.96
CA TRP A 243 -16.76 -5.58 -2.74
C TRP A 243 -16.08 -4.67 -3.75
N VAL A 244 -16.77 -3.59 -4.11
CA VAL A 244 -16.22 -2.63 -5.07
C VAL A 244 -16.23 -1.23 -4.48
N PRO A 245 -15.27 -0.37 -4.83
CA PRO A 245 -15.28 1.01 -4.36
C PRO A 245 -16.31 1.86 -5.09
N ARG A 246 -17.58 1.68 -4.75
CA ARG A 246 -18.64 2.39 -5.47
C ARG A 246 -18.37 3.89 -5.49
N ALA A 247 -17.76 4.41 -4.43
CA ALA A 247 -17.30 5.80 -4.40
C ALA A 247 -15.85 5.81 -3.95
N SER A 248 -15.03 6.64 -4.60
CA SER A 248 -13.63 6.73 -4.23
C SER A 248 -13.13 8.16 -4.44
N ALA A 249 -12.24 8.59 -3.55
CA ALA A 249 -11.57 9.86 -3.69
C ALA A 249 -10.41 9.76 -4.68
N ASN A 250 -10.05 10.90 -5.26
CA ASN A 250 -8.89 11.00 -6.14
C ASN A 250 -8.17 12.30 -5.80
N ILE A 251 -7.01 12.20 -5.18
CA ILE A 251 -6.20 13.36 -4.83
C ILE A 251 -5.06 13.56 -5.81
N GLY A 252 -5.04 12.81 -6.90
CA GLY A 252 -3.95 12.89 -7.86
C GLY A 252 -3.40 11.52 -8.16
N CYS A 253 -3.15 11.24 -9.43
CA CYS A 253 -2.58 9.96 -9.86
C CYS A 253 -3.37 8.79 -9.26
N ASN A 254 -4.69 8.95 -9.21
CA ASN A 254 -5.63 7.92 -8.78
C ASN A 254 -5.43 7.49 -7.33
N HIS A 255 -4.67 8.24 -6.54
CA HIS A 255 -4.53 7.94 -5.12
C HIS A 255 -5.76 8.40 -4.37
N THR A 256 -6.18 7.61 -3.39
CA THR A 256 -7.40 7.85 -2.65
C THR A 256 -7.18 8.57 -1.32
N GLY A 257 -5.94 8.92 -0.99
CA GLY A 257 -5.69 9.69 0.21
C GLY A 257 -5.79 8.88 1.49
N VAL A 258 -5.69 9.60 2.60
CA VAL A 258 -5.69 9.01 3.94
C VAL A 258 -6.82 9.63 4.74
N VAL A 259 -7.51 8.78 5.52
CA VAL A 259 -8.56 9.24 6.43
C VAL A 259 -8.29 8.65 7.80
N GLY A 260 -8.82 9.30 8.82
CA GLY A 260 -8.68 8.85 10.19
C GLY A 260 -7.71 9.71 10.98
N GLU A 261 -7.45 9.27 12.21
CA GLU A 261 -6.61 10.03 13.13
C GLU A 261 -5.21 10.22 12.53
N GLY A 262 -4.74 11.46 12.54
CA GLY A 262 -3.43 11.76 11.98
C GLY A 262 -3.41 11.89 10.47
N SER A 263 -4.55 11.70 9.81
CA SER A 263 -4.57 11.71 8.34
C SER A 263 -4.28 13.09 7.77
N GLU A 264 -4.60 14.16 8.48
CA GLU A 264 -4.41 15.50 7.92
C GLU A 264 -2.95 15.77 7.59
N GLY A 265 -2.03 15.46 8.50
CA GLY A 265 -0.62 15.62 8.21
C GLY A 265 -0.16 14.71 7.09
N LEU A 266 -0.65 13.47 7.06
CA LEU A 266 -0.27 12.53 6.01
C LEU A 266 -0.78 12.99 4.64
N ASN A 267 -1.99 13.54 4.60
CA ASN A 267 -2.54 14.03 3.34
C ASN A 267 -1.73 15.19 2.80
N ASP A 268 -1.27 16.08 3.68
CA ASP A 268 -0.45 17.20 3.21
C ASP A 268 0.78 16.70 2.47
N ASN A 269 1.39 15.61 2.96
CA ASN A 269 2.55 15.05 2.29
C ASN A 269 2.18 14.42 0.94
N LEU A 270 1.03 13.76 0.87
CA LEU A 270 0.59 13.19 -0.40
C LEU A 270 0.19 14.27 -1.40
N LEU A 271 -0.52 15.30 -0.95
CA LEU A 271 -1.01 16.33 -1.86
C LEU A 271 0.16 17.09 -2.49
N GLU A 272 1.19 17.40 -1.69
CA GLU A 272 2.33 18.11 -2.24
C GLU A 272 2.97 17.35 -3.40
N ILE A 273 2.99 16.03 -3.32
CA ILE A 273 3.69 15.22 -4.31
C ILE A 273 2.77 14.82 -5.46
N LEU A 274 1.56 14.37 -5.19
CA LEU A 274 0.73 13.73 -6.20
C LEU A 274 -0.23 14.66 -6.92
N GLN A 275 -0.65 15.76 -6.29
CA GLN A 275 -1.71 16.59 -6.87
C GLN A 275 -1.12 17.56 -7.90
N LYS A 276 -0.73 16.97 -9.04
CA LYS A 276 -0.13 17.71 -10.14
C LYS A 276 -0.67 17.14 -11.44
N GLU A 277 -0.43 17.85 -12.54
CA GLU A 277 -0.78 17.32 -13.84
C GLU A 277 0.00 16.05 -14.14
N LYS A 278 1.29 16.05 -13.81
CA LYS A 278 2.13 14.86 -13.88
C LYS A 278 2.95 14.79 -12.60
N VAL A 279 3.07 13.59 -12.04
CA VAL A 279 3.83 13.39 -10.81
C VAL A 279 5.29 13.27 -11.18
N ASN A 280 6.13 14.10 -10.57
CA ASN A 280 7.55 14.16 -10.90
C ASN A 280 8.28 13.15 -10.04
N ILE A 281 8.82 12.11 -10.68
CA ILE A 281 9.66 11.12 -10.01
C ILE A 281 11.11 11.58 -10.16
N ASN A 282 11.74 11.85 -9.03
CA ASN A 282 13.07 12.46 -9.06
C ASN A 282 14.10 11.53 -8.46
N ILE A 283 14.97 10.97 -9.30
CA ILE A 283 16.03 10.07 -8.84
C ILE A 283 17.22 10.91 -8.40
N VAL A 284 17.51 10.88 -7.11
CA VAL A 284 18.53 11.72 -6.52
C VAL A 284 19.83 10.93 -6.44
N GLY A 285 20.86 11.40 -7.13
CA GLY A 285 22.10 10.67 -7.20
C GLY A 285 22.01 9.48 -8.15
N ASP A 286 22.89 8.50 -7.91
CA ASP A 286 22.97 7.35 -8.78
C ASP A 286 21.69 6.53 -8.74
N PHE A 287 21.36 5.92 -9.87
CA PHE A 287 20.18 5.08 -9.99
C PHE A 287 20.50 3.69 -9.47
N LYS A 288 19.99 3.36 -8.28
CA LYS A 288 20.15 2.06 -7.67
C LYS A 288 18.78 1.44 -7.48
N LEU A 289 18.72 0.12 -7.63
CA LEU A 289 17.44 -0.57 -7.48
C LEU A 289 17.10 -0.71 -6.00
N ASN A 290 16.62 0.37 -5.42
CA ASN A 290 16.26 0.43 -4.01
C ASN A 290 14.88 -0.21 -3.81
N GLU A 291 14.44 -0.26 -2.55
CA GLU A 291 13.11 -0.78 -2.28
C GLU A 291 12.04 0.10 -2.91
N GLU A 292 12.24 1.42 -2.91
CA GLU A 292 11.22 2.33 -3.40
C GLU A 292 11.11 2.26 -4.93
N ILE A 293 12.24 2.16 -5.62
CA ILE A 293 12.22 2.06 -7.07
C ILE A 293 11.68 0.72 -7.51
N ALA A 294 12.05 -0.36 -6.81
CA ALA A 294 11.59 -1.68 -7.19
C ALA A 294 10.08 -1.79 -7.14
N ILE A 295 9.45 -1.18 -6.12
CA ILE A 295 8.00 -1.33 -6.03
C ILE A 295 7.29 -0.43 -7.03
N ILE A 296 7.85 0.75 -7.33
CA ILE A 296 7.25 1.61 -8.35
C ILE A 296 7.22 0.90 -9.70
N LEU A 297 8.33 0.25 -10.07
CA LEU A 297 8.33 -0.50 -11.33
C LEU A 297 7.39 -1.69 -11.26
N ALA A 298 7.32 -2.36 -10.11
CA ALA A 298 6.41 -3.49 -9.96
C ALA A 298 4.97 -3.08 -10.17
N SER A 299 4.62 -1.85 -9.84
CA SER A 299 3.24 -1.39 -10.01
C SER A 299 2.74 -1.61 -11.44
N PHE A 300 3.65 -1.61 -12.43
CA PHE A 300 3.26 -1.68 -13.82
C PHE A 300 3.37 -3.09 -14.40
N SER A 301 3.65 -4.09 -13.57
CA SER A 301 3.79 -5.47 -14.02
C SER A 301 2.50 -6.23 -13.75
N ALA A 302 2.05 -6.98 -14.76
CA ALA A 302 0.79 -7.71 -14.63
C ALA A 302 0.86 -8.80 -13.58
N SER A 303 2.01 -9.47 -13.46
CA SER A 303 2.13 -10.61 -12.56
C SER A 303 3.55 -10.68 -12.03
N THR A 304 3.73 -11.45 -10.96
CA THR A 304 5.06 -11.62 -10.37
C THR A 304 6.05 -12.17 -11.39
N SER A 305 5.62 -13.17 -12.18
CA SER A 305 6.53 -13.76 -13.16
C SER A 305 6.89 -12.76 -14.26
N ALA A 306 5.94 -11.91 -14.66
CA ALA A 306 6.27 -10.86 -15.61
C ALA A 306 7.27 -9.88 -15.02
N PHE A 307 7.15 -9.58 -13.72
CA PHE A 307 8.09 -8.65 -13.09
C PHE A 307 9.50 -9.22 -13.06
N VAL A 308 9.63 -10.51 -12.76
CA VAL A 308 10.95 -11.14 -12.75
C VAL A 308 11.67 -10.90 -14.08
N GLU A 309 10.93 -11.03 -15.19
CA GLU A 309 11.53 -10.75 -16.48
C GLU A 309 11.78 -9.26 -16.68
N THR A 310 10.90 -8.41 -16.13
CA THR A 310 11.03 -6.98 -16.32
C THR A 310 12.31 -6.43 -15.68
N VAL A 311 12.65 -6.90 -14.47
CA VAL A 311 13.78 -6.35 -13.74
C VAL A 311 15.12 -6.79 -14.30
N LYS A 312 15.15 -7.83 -15.13
CA LYS A 312 16.41 -8.30 -15.67
C LYS A 312 17.03 -7.24 -16.57
N GLY A 313 18.25 -6.81 -16.22
CA GLY A 313 18.92 -5.79 -17.00
C GLY A 313 18.38 -4.39 -16.81
N LEU A 314 17.68 -4.13 -15.71
CA LEU A 314 17.08 -2.82 -15.50
C LEU A 314 18.15 -1.75 -15.30
N ASP A 315 17.98 -0.62 -15.98
CA ASP A 315 18.78 0.58 -15.76
C ASP A 315 17.84 1.78 -15.73
N TYR A 316 18.43 2.97 -15.61
CA TYR A 316 17.61 4.19 -15.54
C TYR A 316 16.74 4.35 -16.78
N LYS A 317 17.34 4.20 -17.97
CA LYS A 317 16.60 4.45 -19.20
C LYS A 317 15.36 3.55 -19.30
N ALA A 318 15.52 2.26 -19.03
CA ALA A 318 14.38 1.36 -19.06
C ALA A 318 13.35 1.72 -18.02
N PHE A 319 13.79 2.11 -16.82
CA PHE A 319 12.85 2.56 -15.80
C PHE A 319 12.08 3.77 -16.28
N LYS A 320 12.78 4.76 -16.83
CA LYS A 320 12.12 5.97 -17.30
C LYS A 320 11.09 5.64 -18.37
N GLN A 321 11.47 4.82 -19.35
CA GLN A 321 10.56 4.51 -20.45
C GLN A 321 9.33 3.77 -19.96
N ILE A 322 9.52 2.75 -19.10
CA ILE A 322 8.40 1.94 -18.65
C ILE A 322 7.44 2.77 -17.81
N VAL A 323 7.97 3.56 -16.87
CA VAL A 323 7.10 4.31 -15.97
C VAL A 323 6.34 5.39 -16.74
N GLU A 324 7.03 6.13 -17.61
CA GLU A 324 6.37 7.22 -18.33
C GLU A 324 5.35 6.70 -19.33
N SER A 325 5.50 5.47 -19.81
CA SER A 325 4.57 4.96 -20.80
C SER A 325 3.13 4.91 -20.29
N CYS A 326 2.91 4.94 -18.98
CA CYS A 326 1.58 4.91 -18.40
C CYS A 326 0.88 6.27 -18.48
N GLY A 327 1.64 7.34 -18.67
CA GLY A 327 1.06 8.69 -18.80
C GLY A 327 0.88 9.59 -17.60
N ASN A 328 1.00 9.05 -16.39
CA ASN A 328 0.77 9.82 -15.18
C ASN A 328 2.04 10.35 -14.53
N PHE A 329 3.22 9.97 -15.02
CA PHE A 329 4.46 10.29 -14.34
C PHE A 329 5.45 10.94 -15.30
N LYS A 330 6.37 11.70 -14.75
CA LYS A 330 7.56 12.14 -15.47
C LYS A 330 8.79 11.83 -14.62
N VAL A 331 9.75 11.13 -15.20
CA VAL A 331 10.92 10.64 -14.48
C VAL A 331 12.12 11.51 -14.83
N THR A 332 12.76 12.08 -13.82
CA THR A 332 13.97 12.87 -13.99
C THR A 332 14.99 12.43 -12.95
N LYS A 333 16.19 13.01 -13.02
CA LYS A 333 17.25 12.65 -12.09
C LYS A 333 18.15 13.86 -11.87
N GLY A 334 18.84 13.84 -10.73
CA GLY A 334 19.80 14.89 -10.41
C GLY A 334 19.77 15.27 -8.95
N LYS A 335 19.35 16.49 -8.66
CA LYS A 335 19.26 16.98 -7.29
C LYS A 335 17.81 16.92 -6.80
N ALA A 336 17.66 16.81 -5.48
CA ALA A 336 16.33 16.86 -4.88
C ALA A 336 15.63 18.16 -5.23
N LYS A 337 14.32 18.08 -5.42
CA LYS A 337 13.52 19.24 -5.79
C LYS A 337 12.34 19.39 -4.86
N LYS A 338 11.97 20.64 -4.58
CA LYS A 338 10.82 20.91 -3.75
C LYS A 338 9.54 20.52 -4.48
N GLY A 339 8.69 19.75 -3.79
CA GLY A 339 7.43 19.32 -4.36
C GLY A 339 7.50 18.10 -5.24
N ALA A 340 8.68 17.53 -5.45
CA ALA A 340 8.87 16.36 -6.29
C ALA A 340 8.98 15.11 -5.42
N TRP A 341 8.70 13.97 -6.04
CA TRP A 341 8.81 12.67 -5.39
C TRP A 341 10.29 12.28 -5.33
N ASN A 342 10.98 12.79 -4.32
CA ASN A 342 12.42 12.61 -4.20
C ASN A 342 12.74 11.20 -3.72
N ILE A 343 13.41 10.43 -4.58
CA ILE A 343 13.81 9.06 -4.29
C ILE A 343 15.34 8.99 -4.37
N GLY A 344 15.96 8.47 -3.33
CA GLY A 344 17.41 8.34 -3.25
C GLY A 344 17.86 8.27 -1.81
N GLU A 345 17.32 9.14 -0.97
CA GLU A 345 17.39 8.93 0.46
C GLU A 345 16.50 7.77 0.86
N GLN A 346 17.02 6.86 1.68
CA GLN A 346 16.29 5.64 1.97
C GLN A 346 15.20 5.92 3.00
N LYS A 347 13.95 5.72 2.58
CA LYS A 347 12.78 5.94 3.40
C LYS A 347 12.04 4.63 3.55
N SER A 348 11.15 4.58 4.54
CA SER A 348 10.34 3.37 4.74
C SER A 348 9.42 3.17 3.54
N ILE A 349 9.23 1.91 3.15
CA ILE A 349 8.33 1.58 2.07
C ILE A 349 6.92 1.34 2.57
N LEU A 350 6.71 1.37 3.88
CA LEU A 350 5.40 1.18 4.50
C LEU A 350 4.81 2.55 4.75
N SER A 351 3.95 2.99 3.85
CA SER A 351 3.44 4.35 3.83
C SER A 351 2.21 4.39 2.96
N PRO A 352 1.32 5.38 3.15
CA PRO A 352 0.30 5.62 2.12
C PRO A 352 0.90 5.79 0.74
N LEU A 353 2.09 6.38 0.65
CA LEU A 353 2.81 6.41 -0.60
C LEU A 353 3.50 5.07 -0.81
N TYR A 354 3.57 4.63 -2.06
CA TYR A 354 4.05 3.28 -2.39
C TYR A 354 2.98 2.23 -2.08
N ALA A 355 1.75 2.70 -1.87
CA ALA A 355 0.61 1.80 -1.68
C ALA A 355 0.12 1.33 -3.05
N PHE A 356 0.94 0.55 -3.74
CA PHE A 356 0.59 0.00 -5.04
C PHE A 356 -0.13 -1.32 -4.86
N ALA A 357 -1.09 -1.59 -5.74
CA ALA A 357 -1.96 -2.75 -5.60
C ALA A 357 -1.63 -3.91 -6.55
N SER A 358 -0.57 -3.82 -7.34
CA SER A 358 -0.24 -4.90 -8.26
C SER A 358 0.26 -6.13 -7.51
N GLU A 359 0.13 -7.29 -8.16
CA GLU A 359 0.63 -8.54 -7.55
C GLU A 359 2.13 -8.48 -7.28
N ALA A 360 2.90 -8.01 -8.26
CA ALA A 360 4.35 -7.94 -8.07
C ALA A 360 4.69 -6.96 -6.96
N ALA A 361 3.93 -5.87 -6.85
CA ALA A 361 4.21 -4.88 -5.82
C ALA A 361 4.01 -5.48 -4.43
N ARG A 362 3.02 -6.35 -4.27
CA ARG A 362 2.79 -6.98 -2.97
C ARG A 362 3.95 -7.89 -2.59
N VAL A 363 4.48 -8.63 -3.55
CA VAL A 363 5.63 -9.50 -3.28
C VAL A 363 6.85 -8.66 -2.92
N VAL A 364 7.10 -7.59 -3.68
CA VAL A 364 8.26 -6.74 -3.41
C VAL A 364 8.17 -6.13 -2.01
N ARG A 365 7.00 -5.61 -1.65
CA ARG A 365 6.82 -5.03 -0.32
C ARG A 365 7.14 -6.04 0.77
N SER A 366 6.62 -7.27 0.65
CA SER A 366 6.87 -8.26 1.68
C SER A 366 8.35 -8.63 1.78
N ILE A 367 9.01 -8.82 0.63
CA ILE A 367 10.39 -9.29 0.63
C ILE A 367 11.30 -8.33 1.40
N PHE A 368 11.12 -7.03 1.20
CA PHE A 368 12.03 -6.03 1.75
C PHE A 368 11.56 -5.49 3.10
N SER A 369 10.53 -6.09 3.69
CA SER A 369 10.01 -5.62 4.97
C SER A 369 10.14 -6.63 6.10
N ARG A 370 10.50 -7.88 5.82
CA ARG A 370 10.58 -8.89 6.85
C ARG A 370 11.86 -8.76 7.65
N THR A 371 11.81 -9.19 8.91
CA THR A 371 12.96 -9.21 9.79
C THR A 371 13.30 -10.65 10.17
N LEU A 372 14.49 -10.83 10.72
CA LEU A 372 14.95 -12.12 11.22
C LEU A 372 15.00 -12.13 12.74
N GLU A 373 14.68 -13.29 13.31
CA GLU A 373 14.83 -13.52 14.75
C GLU A 373 16.26 -14.01 14.99
N THR A 374 17.17 -13.05 15.11
CA THR A 374 18.60 -13.35 15.20
C THR A 374 19.00 -13.50 16.66
N ALA A 375 19.57 -14.66 17.00
CA ALA A 375 19.98 -14.95 18.37
C ALA A 375 21.26 -15.79 18.33
N GLN A 376 22.39 -15.12 18.08
CA GLN A 376 23.70 -15.76 18.01
C GLN A 376 23.72 -16.93 17.03
N ASN A 377 23.07 -16.74 15.88
CA ASN A 377 22.98 -17.79 14.88
C ASN A 377 24.04 -17.59 13.81
N SER A 378 24.55 -18.71 13.28
CA SER A 378 25.51 -18.65 12.19
C SER A 378 24.82 -18.25 10.90
N VAL A 379 25.63 -17.82 9.93
CA VAL A 379 25.10 -17.39 8.63
C VAL A 379 24.34 -18.53 7.96
N ARG A 380 24.86 -19.76 8.04
CA ARG A 380 24.17 -20.90 7.45
C ARG A 380 22.79 -21.11 8.07
N VAL A 381 22.66 -20.92 9.38
CA VAL A 381 21.35 -21.06 10.03
C VAL A 381 20.44 -19.92 9.61
N LEU A 382 20.98 -18.70 9.54
CA LEU A 382 20.16 -17.56 9.15
C LEU A 382 19.69 -17.69 7.71
N GLN A 383 20.54 -18.20 6.82
CA GLN A 383 20.12 -18.42 5.44
C GLN A 383 18.96 -19.39 5.36
N LYS A 384 19.04 -20.50 6.08
CA LYS A 384 17.94 -21.47 6.08
C LYS A 384 16.64 -20.81 6.52
N ALA A 385 16.69 -20.01 7.59
CA ALA A 385 15.50 -19.30 8.04
C ALA A 385 15.04 -18.29 7.00
N ALA A 386 15.98 -17.58 6.38
CA ALA A 386 15.64 -16.56 5.40
C ALA A 386 14.91 -17.17 4.21
N ILE A 387 15.39 -18.33 3.74
CA ILE A 387 14.74 -18.99 2.60
C ILE A 387 13.33 -19.41 2.98
N THR A 388 13.17 -19.97 4.17
CA THR A 388 11.83 -20.36 4.61
C THR A 388 10.85 -19.19 4.53
N ILE A 389 11.29 -18.01 5.00
CA ILE A 389 10.43 -16.82 4.92
C ILE A 389 10.14 -16.47 3.46
N LEU A 390 11.19 -16.43 2.63
CA LEU A 390 11.01 -16.00 1.25
C LEU A 390 10.09 -16.94 0.49
N ASP A 391 10.23 -18.25 0.70
CA ASP A 391 9.36 -19.21 0.01
C ASP A 391 7.91 -18.98 0.41
N GLY A 392 7.66 -18.65 1.68
CA GLY A 392 6.29 -18.39 2.11
C GLY A 392 5.66 -17.21 1.39
N ILE A 393 6.47 -16.21 1.04
CA ILE A 393 5.92 -15.03 0.37
C ILE A 393 5.47 -15.37 -1.05
N SER A 394 6.32 -16.04 -1.82
CA SER A 394 6.00 -16.38 -3.20
C SER A 394 7.04 -17.35 -3.72
N GLN A 395 6.59 -18.30 -4.55
CA GLN A 395 7.51 -19.25 -5.16
C GLN A 395 8.46 -18.60 -6.16
N TYR A 396 8.23 -17.34 -6.52
CA TYR A 396 9.12 -16.62 -7.42
C TYR A 396 10.09 -15.71 -6.66
N SER A 397 9.98 -15.65 -5.34
CA SER A 397 10.76 -14.68 -4.58
C SER A 397 12.25 -14.94 -4.69
N LEU A 398 12.66 -16.20 -4.78
CA LEU A 398 14.09 -16.49 -4.90
C LEU A 398 14.61 -16.14 -6.28
N ARG A 399 13.85 -16.42 -7.33
CA ARG A 399 14.28 -16.03 -8.67
C ARG A 399 14.21 -14.52 -8.86
N LEU A 400 13.26 -13.86 -8.19
CA LEU A 400 13.17 -12.41 -8.29
C LEU A 400 14.38 -11.73 -7.64
N ILE A 401 14.76 -12.18 -6.44
CA ILE A 401 15.93 -11.62 -5.78
C ILE A 401 17.19 -11.91 -6.57
N ASP A 402 17.34 -13.14 -7.07
CA ASP A 402 18.51 -13.47 -7.88
C ASP A 402 18.61 -12.56 -9.09
N ALA A 403 17.50 -12.30 -9.76
CA ALA A 403 17.50 -11.39 -10.90
C ALA A 403 17.94 -10.00 -10.49
N MET A 404 17.33 -9.45 -9.42
CA MET A 404 17.68 -8.10 -9.02
C MET A 404 19.14 -7.98 -8.65
N MET A 405 19.68 -9.01 -7.99
CA MET A 405 21.05 -8.95 -7.49
C MET A 405 22.08 -9.19 -8.57
N PHE A 406 21.81 -10.09 -9.52
CA PHE A 406 22.87 -10.56 -10.41
C PHE A 406 22.75 -10.04 -11.83
N THR A 407 21.61 -9.49 -12.22
CA THR A 407 21.45 -8.87 -13.53
C THR A 407 21.23 -7.38 -13.45
N SER A 408 21.14 -6.82 -12.25
CA SER A 408 20.93 -5.39 -12.05
C SER A 408 21.86 -4.90 -10.95
N ASP A 409 21.46 -3.84 -10.23
CA ASP A 409 22.28 -3.28 -9.16
C ASP A 409 21.36 -3.08 -7.97
N LEU A 410 21.33 -4.06 -7.08
CA LEU A 410 20.43 -4.07 -5.94
C LEU A 410 21.10 -3.47 -4.72
N ALA A 411 20.33 -2.72 -3.94
CA ALA A 411 20.80 -2.16 -2.69
C ALA A 411 19.68 -2.26 -1.66
N THR A 412 20.03 -2.67 -0.45
CA THR A 412 19.04 -2.83 0.61
C THR A 412 19.76 -2.97 1.95
N ASN A 413 19.00 -2.80 3.03
CA ASN A 413 19.47 -3.15 4.36
C ASN A 413 18.57 -4.18 5.04
N ASN A 414 17.70 -4.86 4.29
CA ASN A 414 16.84 -5.86 4.88
C ASN A 414 17.64 -7.10 5.23
N LEU A 415 17.47 -7.60 6.46
CA LEU A 415 18.28 -8.74 6.90
C LEU A 415 17.87 -10.05 6.25
N VAL A 416 16.58 -10.22 5.91
CA VAL A 416 16.16 -11.46 5.28
C VAL A 416 16.76 -11.61 3.89
N VAL A 417 16.76 -10.53 3.11
CA VAL A 417 17.36 -10.56 1.78
C VAL A 417 18.87 -10.73 1.89
N MET A 418 19.50 -10.00 2.82
CA MET A 418 20.94 -10.12 3.00
C MET A 418 21.32 -11.52 3.43
N ALA A 419 20.57 -12.11 4.35
CA ALA A 419 20.92 -13.44 4.84
C ALA A 419 20.83 -14.48 3.73
N TYR A 420 19.77 -14.42 2.92
CA TYR A 420 19.63 -15.37 1.82
C TYR A 420 20.81 -15.30 0.86
N ILE A 421 21.17 -14.10 0.41
CA ILE A 421 22.23 -13.97 -0.58
C ILE A 421 23.59 -14.25 0.06
N THR A 422 23.84 -13.68 1.24
CA THR A 422 25.15 -13.84 1.88
C THR A 422 25.48 -15.31 2.12
N GLY A 423 24.50 -16.10 2.58
CA GLY A 423 24.77 -17.51 2.83
C GLY A 423 25.25 -18.28 1.62
N GLY A 424 25.04 -17.76 0.42
CA GLY A 424 25.48 -18.40 -0.80
C GLY A 424 26.85 -17.98 -1.27
N VAL A 425 27.54 -17.13 -0.49
CA VAL A 425 28.84 -16.62 -0.90
C VAL A 425 29.86 -17.74 -0.98
N VAL A 426 29.68 -18.82 -0.22
CA VAL A 426 30.66 -19.90 -0.25
C VAL A 426 30.58 -20.67 -1.56
N GLN A 427 29.38 -20.81 -2.11
CA GLN A 427 29.24 -21.44 -3.43
C GLN A 427 29.67 -20.48 -4.54
N LEU A 428 29.31 -19.19 -4.41
CA LEU A 428 29.74 -18.24 -5.43
C LEU A 428 31.26 -18.06 -5.44
N THR A 429 31.89 -18.07 -4.26
CA THR A 429 33.34 -17.97 -4.19
C THR A 429 34.00 -19.17 -4.82
N SER A 430 33.48 -20.37 -4.56
CA SER A 430 34.04 -21.57 -5.18
C SER A 430 33.97 -21.48 -6.70
N GLN A 431 32.81 -21.08 -7.23
CA GLN A 431 32.67 -20.96 -8.68
C GLN A 431 33.51 -19.81 -9.22
N TRP A 432 33.60 -18.70 -8.48
CA TRP A 432 34.38 -17.55 -8.90
C TRP A 432 35.86 -17.92 -9.02
N LEU A 433 36.40 -18.61 -8.01
CA LEU A 433 37.77 -19.08 -8.06
C LEU A 433 37.97 -20.10 -9.17
N THR A 434 36.98 -20.95 -9.41
CA THR A 434 37.04 -21.87 -10.54
C THR A 434 37.16 -21.11 -11.85
N ASN A 435 36.35 -20.06 -12.02
CA ASN A 435 36.36 -19.31 -13.26
C ASN A 435 37.68 -18.56 -13.46
N ILE A 436 38.25 -18.02 -12.38
CA ILE A 436 39.47 -17.25 -12.54
C ILE A 436 40.68 -18.16 -12.77
N PHE A 437 40.83 -19.21 -11.97
CA PHE A 437 42.01 -20.05 -12.02
C PHE A 437 41.80 -21.33 -12.82
N GLY A 438 40.58 -21.56 -13.32
CA GLY A 438 40.30 -22.70 -14.17
C GLY A 438 39.77 -23.94 -13.47
N THR A 439 39.97 -24.04 -12.15
CA THR A 439 39.47 -25.17 -11.38
C THR A 439 39.62 -24.81 -9.90
N VAL A 440 39.31 -25.79 -9.04
CA VAL A 440 39.44 -25.63 -7.59
C VAL A 440 40.77 -26.24 -7.16
N TYR A 441 41.59 -25.44 -6.50
CA TYR A 441 42.91 -25.88 -6.05
C TYR A 441 42.90 -26.08 -4.54
N GLU A 442 43.69 -27.07 -4.09
CA GLU A 442 43.81 -27.31 -2.66
C GLU A 442 44.36 -26.10 -1.93
N LYS A 443 45.25 -25.34 -2.58
CA LYS A 443 45.84 -24.18 -1.95
C LYS A 443 44.79 -23.12 -1.64
N LEU A 444 43.63 -23.17 -2.29
CA LEU A 444 42.58 -22.19 -2.08
C LEU A 444 41.64 -22.54 -0.94
N LYS A 445 41.73 -23.74 -0.36
CA LYS A 445 40.88 -24.10 0.77
C LYS A 445 40.89 -23.11 1.93
N PRO A 446 42.03 -22.53 2.35
CA PRO A 446 41.97 -21.58 3.46
C PRO A 446 41.05 -20.40 3.23
N VAL A 447 40.78 -20.04 1.96
CA VAL A 447 39.84 -18.97 1.67
C VAL A 447 38.42 -19.41 2.00
N LEU A 448 38.06 -20.63 1.61
CA LEU A 448 36.74 -21.14 1.95
C LEU A 448 36.62 -21.41 3.44
N ASP A 449 37.71 -21.87 4.08
CA ASP A 449 37.66 -22.10 5.52
C ASP A 449 37.49 -20.79 6.27
N TRP A 450 38.12 -19.73 5.78
CA TRP A 450 37.95 -18.41 6.38
C TRP A 450 36.48 -18.01 6.38
N LEU A 451 35.82 -18.16 5.23
CA LEU A 451 34.40 -17.83 5.16
C LEU A 451 33.61 -18.66 6.14
N GLU A 452 33.94 -19.95 6.26
CA GLU A 452 33.20 -20.81 7.18
C GLU A 452 33.35 -20.32 8.61
N GLU A 453 34.53 -19.82 8.98
CA GLU A 453 34.69 -19.25 10.31
C GLU A 453 33.94 -17.93 10.42
N LYS A 454 33.93 -17.14 9.33
CA LYS A 454 33.19 -15.89 9.36
C LYS A 454 31.71 -16.14 9.53
N PHE A 455 31.20 -17.27 9.02
CA PHE A 455 29.80 -17.59 9.17
C PHE A 455 29.42 -17.72 10.64
N LYS A 456 30.39 -17.99 11.52
CA LYS A 456 30.10 -18.11 12.93
C LYS A 456 29.85 -16.75 13.59
N GLU A 457 30.09 -15.66 12.88
CA GLU A 457 29.79 -14.33 13.41
C GLU A 457 28.32 -13.97 13.27
N GLY A 458 27.57 -14.73 12.46
CA GLY A 458 26.15 -14.46 12.33
C GLY A 458 25.90 -13.10 11.69
N VAL A 459 25.05 -12.31 12.35
CA VAL A 459 24.62 -11.03 11.79
C VAL A 459 25.81 -10.14 11.52
N GLU A 460 26.84 -10.22 12.37
CA GLU A 460 27.95 -9.28 12.25
C GLU A 460 28.65 -9.39 10.91
N PHE A 461 28.47 -10.50 10.20
CA PHE A 461 29.13 -10.70 8.92
C PHE A 461 28.22 -10.48 7.72
N LEU A 462 26.93 -10.19 7.92
CA LEU A 462 26.01 -10.11 6.79
C LEU A 462 26.36 -8.95 5.87
N ARG A 463 26.74 -7.80 6.44
CA ARG A 463 27.10 -6.67 5.59
C ARG A 463 28.43 -6.90 4.92
N ASP A 464 29.36 -7.57 5.61
CA ASP A 464 30.66 -7.82 5.01
C ASP A 464 30.53 -8.79 3.85
N GLY A 465 29.73 -9.84 4.03
CA GLY A 465 29.52 -10.77 2.94
C GLY A 465 28.77 -10.13 1.80
N TRP A 466 27.75 -9.32 2.13
CA TRP A 466 27.02 -8.64 1.07
C TRP A 466 27.97 -7.94 0.12
N GLU A 467 28.92 -7.18 0.65
CA GLU A 467 29.80 -6.44 -0.23
C GLU A 467 30.68 -7.38 -1.03
N ILE A 468 31.06 -8.52 -0.43
CA ILE A 468 31.87 -9.49 -1.15
C ILE A 468 31.09 -10.08 -2.31
N VAL A 469 29.81 -10.37 -2.10
CA VAL A 469 28.99 -10.95 -3.16
C VAL A 469 28.88 -9.98 -4.32
N LYS A 470 28.65 -8.70 -4.01
CA LYS A 470 28.57 -7.71 -5.09
C LYS A 470 29.89 -7.63 -5.83
N PHE A 471 31.00 -7.66 -5.09
CA PHE A 471 32.31 -7.56 -5.73
C PHE A 471 32.48 -8.66 -6.76
N ILE A 472 32.20 -9.91 -6.38
CA ILE A 472 32.42 -11.00 -7.32
C ILE A 472 31.29 -11.07 -8.34
N SER A 473 30.08 -10.64 -7.96
CA SER A 473 28.95 -10.73 -8.88
C SER A 473 29.19 -9.88 -10.13
N THR A 474 29.60 -8.63 -9.94
CA THR A 474 29.80 -7.69 -11.05
C THR A 474 31.27 -7.34 -11.20
N CYS A 475 32.09 -8.36 -11.40
CA CYS A 475 33.53 -8.18 -11.54
C CYS A 475 33.96 -8.27 -13.00
N ILE A 491 36.84 -0.43 -3.51
CA ILE A 491 36.88 -1.70 -2.78
C ILE A 491 36.73 -1.38 -1.29
N LYS A 492 35.70 -1.96 -0.66
CA LYS A 492 35.42 -1.74 0.75
C LYS A 492 36.36 -2.56 1.62
N GLU A 493 36.50 -2.12 2.87
CA GLU A 493 37.40 -2.78 3.81
C GLU A 493 37.05 -4.26 4.00
N SER A 494 35.76 -4.61 3.99
CA SER A 494 35.40 -6.01 4.13
C SER A 494 35.89 -6.82 2.94
N VAL A 495 35.90 -6.21 1.76
CA VAL A 495 36.39 -6.90 0.57
C VAL A 495 37.92 -6.85 0.50
N GLN A 496 38.54 -5.78 1.00
CA GLN A 496 40.00 -5.74 1.01
C GLN A 496 40.58 -6.91 1.80
N THR A 497 39.98 -7.23 2.95
CA THR A 497 40.48 -8.36 3.73
C THR A 497 40.33 -9.67 2.97
N PHE A 498 39.12 -9.91 2.45
CA PHE A 498 38.86 -11.13 1.69
C PHE A 498 39.81 -11.22 0.49
N PHE A 499 39.93 -10.13 -0.26
CA PHE A 499 40.70 -10.14 -1.49
C PHE A 499 42.18 -10.38 -1.19
N LYS A 500 42.70 -9.78 -0.12
CA LYS A 500 44.08 -10.02 0.27
C LYS A 500 44.33 -11.49 0.55
N LEU A 501 43.35 -12.18 1.15
CA LEU A 501 43.52 -13.60 1.42
C LEU A 501 43.63 -14.40 0.13
N VAL A 502 42.81 -14.07 -0.87
CA VAL A 502 42.84 -14.80 -2.14
C VAL A 502 44.18 -14.61 -2.84
N ASN A 503 44.73 -13.40 -2.78
CA ASN A 503 45.98 -13.07 -3.45
C ASN A 503 47.19 -13.74 -2.83
N LYS A 504 47.01 -14.51 -1.75
CA LYS A 504 48.10 -15.28 -1.16
C LYS A 504 48.31 -16.61 -1.87
N PHE A 505 47.47 -16.95 -2.84
CA PHE A 505 47.53 -18.26 -3.48
C PHE A 505 47.54 -18.13 -5.00
ZN ZN B . 4.93 -7.64 13.65
ZN ZN C . -20.75 -16.00 -0.69
ZN ZN D . -28.70 19.77 16.09
#